data_5TZQ
#
_entry.id   5TZQ
#
_cell.length_a   123.602
_cell.length_b   41.197
_cell.length_c   67.825
_cell.angle_alpha   90.00
_cell.angle_beta   93.14
_cell.angle_gamma   90.00
#
_symmetry.space_group_name_H-M   'C 1 2 1'
#
loop_
_entity.id
_entity.type
_entity.pdbx_description
1 polymer 'Bcl-2-like protein FPV039'
2 polymer 'Bcl-2-modifying factor'
3 non-polymer 1,2-ETHANEDIOL
4 water water
#
loop_
_entity_poly.entity_id
_entity_poly.type
_entity_poly.pdbx_seq_one_letter_code
_entity_poly.pdbx_strand_id
1 'polypeptide(L)'
;GPLGSMASSNMKDETYYIALNMIQNYIIEYNTNKPRKSFVIDSISYDVLKAACKSVIKTNYNEFDIIISRNIDFNVIVTQ
VLEDKINWGRIITIIAFCAYYSKKVKQDTSPQYYDGIISEAITDAILSKYRSWFIDQDYWNGIRIYKN
;
A,B
2 'polypeptide(L)' EARTEVQIARKLQCIADQFHRLHIQR C,D
#
loop_
_chem_comp.id
_chem_comp.type
_chem_comp.name
_chem_comp.formula
EDO non-polymer 1,2-ETHANEDIOL 'C2 H6 O2'
#
# COMPACT_ATOMS: atom_id res chain seq x y z
N MET A 11 -2.69 14.65 2.78
CA MET A 11 -1.90 13.79 3.66
C MET A 11 -2.14 12.34 3.21
N LYS A 12 -1.56 11.38 3.93
CA LYS A 12 -1.57 9.97 3.51
C LYS A 12 -2.84 9.30 4.03
N ASP A 13 -3.91 9.43 3.25
CA ASP A 13 -5.19 8.87 3.59
C ASP A 13 -5.49 7.68 2.71
N GLU A 14 -6.74 7.24 2.69
CA GLU A 14 -7.10 6.06 1.92
C GLU A 14 -6.75 6.25 0.44
N THR A 15 -7.03 7.42 -0.11
CA THR A 15 -6.81 7.68 -1.53
C THR A 15 -5.33 7.61 -1.86
N TYR A 16 -4.51 8.20 -0.99
CA TYR A 16 -3.08 8.16 -1.18
C TYR A 16 -2.56 6.74 -1.35
N TYR A 17 -2.98 5.83 -0.48
CA TYR A 17 -2.47 4.46 -0.55
C TYR A 17 -3.08 3.66 -1.69
N ILE A 18 -4.31 3.97 -2.10
CA ILE A 18 -4.84 3.36 -3.32
C ILE A 18 -3.95 3.70 -4.51
N ALA A 19 -3.52 4.97 -4.62
CA ALA A 19 -2.62 5.37 -5.69
C ALA A 19 -1.22 4.75 -5.52
N LEU A 20 -0.66 4.87 -4.32
CA LEU A 20 0.75 4.50 -4.11
C LEU A 20 0.95 3.01 -4.32
N ASN A 21 0.06 2.19 -3.78
CA ASN A 21 0.34 0.77 -3.77
C ASN A 21 0.09 0.14 -5.14
N MET A 22 -0.76 0.75 -5.95
CA MET A 22 -0.87 0.31 -7.36
C MET A 22 0.44 0.58 -8.09
N ILE A 23 0.96 1.79 -7.96
CA ILE A 23 2.15 2.17 -8.71
C ILE A 23 3.36 1.36 -8.24
N GLN A 24 3.50 1.17 -6.92
CA GLN A 24 4.68 0.48 -6.42
C GLN A 24 4.65 -0.98 -6.83
N ASN A 25 3.47 -1.62 -6.81
CA ASN A 25 3.45 -3.00 -7.27
C ASN A 25 3.71 -3.11 -8.76
N TYR A 26 3.25 -2.15 -9.57
CA TYR A 26 3.62 -2.21 -10.98
C TYR A 26 5.12 -2.02 -11.18
N ILE A 27 5.73 -1.07 -10.46
CA ILE A 27 7.17 -0.87 -10.60
C ILE A 27 7.95 -2.11 -10.18
N ILE A 28 7.47 -2.79 -9.14
CA ILE A 28 8.08 -4.06 -8.73
C ILE A 28 7.95 -5.11 -9.84
N GLU A 29 6.75 -5.26 -10.41
CA GLU A 29 6.60 -6.26 -11.48
C GLU A 29 7.49 -5.92 -12.67
N TYR A 30 7.56 -4.64 -13.04
CA TYR A 30 8.33 -4.26 -14.22
C TYR A 30 9.80 -4.62 -14.02
N ASN A 31 10.30 -4.43 -12.80
CA ASN A 31 11.70 -4.67 -12.50
C ASN A 31 12.00 -6.15 -12.27
N THR A 32 11.09 -6.88 -11.61
CA THR A 32 11.35 -8.28 -11.24
C THR A 32 10.76 -9.28 -12.22
N ASN A 33 9.87 -8.85 -13.12
CA ASN A 33 9.14 -9.75 -14.01
C ASN A 33 8.42 -10.84 -13.23
N LYS A 34 7.91 -10.48 -12.06
CA LYS A 34 7.04 -11.36 -11.30
C LYS A 34 5.65 -10.75 -11.20
N PRO A 35 4.58 -11.53 -11.33
CA PRO A 35 3.24 -10.94 -11.34
C PRO A 35 2.89 -10.36 -9.98
N ARG A 36 2.41 -9.12 -9.98
CA ARG A 36 2.04 -8.42 -8.75
C ARG A 36 0.56 -8.06 -8.68
N LYS A 37 -0.26 -8.48 -9.65
CA LYS A 37 -1.67 -8.08 -9.65
C LYS A 37 -2.41 -8.55 -8.40
N SER A 38 -1.98 -9.65 -7.81
CA SER A 38 -2.68 -10.19 -6.64
C SER A 38 -2.36 -9.43 -5.35
N PHE A 39 -1.46 -8.44 -5.39
CA PHE A 39 -1.13 -7.64 -4.21
C PHE A 39 -1.69 -6.21 -4.30
N VAL A 40 -2.60 -5.96 -5.25
CA VAL A 40 -3.40 -4.75 -5.28
C VAL A 40 -4.87 -5.12 -5.12
N ILE A 41 -5.66 -4.14 -4.66
CA ILE A 41 -7.11 -4.36 -4.50
C ILE A 41 -7.79 -4.44 -5.86
N ASP A 42 -7.40 -3.58 -6.81
CA ASP A 42 -8.07 -3.46 -8.10
C ASP A 42 -7.17 -4.11 -9.16
N SER A 43 -7.25 -5.44 -9.21
CA SER A 43 -6.42 -6.19 -10.15
C SER A 43 -6.84 -6.00 -11.61
N ILE A 44 -8.14 -5.79 -11.88
CA ILE A 44 -8.56 -5.56 -13.26
C ILE A 44 -7.94 -4.27 -13.80
N SER A 45 -8.01 -3.19 -13.02
CA SER A 45 -7.39 -1.94 -13.47
C SER A 45 -5.88 -2.05 -13.51
N TYR A 46 -5.29 -2.87 -12.63
CA TYR A 46 -3.84 -3.10 -12.68
C TYR A 46 -3.44 -3.67 -14.03
N ASP A 47 -4.16 -4.68 -14.51
CA ASP A 47 -3.83 -5.28 -15.79
C ASP A 47 -3.91 -4.27 -16.93
N VAL A 48 -4.90 -3.37 -16.89
CA VAL A 48 -4.96 -2.32 -17.91
C VAL A 48 -3.73 -1.43 -17.84
N LEU A 49 -3.39 -0.95 -16.64
CA LEU A 49 -2.18 -0.13 -16.46
C LEU A 49 -0.94 -0.84 -16.99
N LYS A 50 -0.78 -2.11 -16.64
CA LYS A 50 0.40 -2.87 -17.07
C LYS A 50 0.46 -2.98 -18.60
N ALA A 51 -0.65 -3.34 -19.24
CA ALA A 51 -0.66 -3.45 -20.70
C ALA A 51 -0.38 -2.11 -21.36
N ALA A 52 -0.94 -1.04 -20.81
CA ALA A 52 -0.75 0.28 -21.40
C ALA A 52 0.70 0.73 -21.27
N CYS A 53 1.28 0.58 -20.07
CA CYS A 53 2.70 0.92 -19.88
C CYS A 53 3.60 0.13 -20.82
N LYS A 54 3.30 -1.16 -21.01
CA LYS A 54 4.13 -1.97 -21.89
C LYS A 54 4.09 -1.44 -23.32
N SER A 55 2.91 -1.04 -23.79
CA SER A 55 2.76 -0.49 -25.13
C SER A 55 3.54 0.81 -25.27
N VAL A 56 3.41 1.73 -24.31
CA VAL A 56 4.13 3.00 -24.38
C VAL A 56 5.64 2.78 -24.43
N ILE A 57 6.14 1.84 -23.63
CA ILE A 57 7.59 1.59 -23.61
C ILE A 57 8.04 0.96 -24.92
N LYS A 58 7.28 -0.03 -25.41
CA LYS A 58 7.65 -0.67 -26.66
C LYS A 58 7.72 0.33 -27.79
N THR A 59 6.84 1.33 -27.77
CA THR A 59 6.75 2.28 -28.87
C THR A 59 7.79 3.39 -28.73
N ASN A 60 8.14 3.79 -27.50
CA ASN A 60 8.89 5.02 -27.26
C ASN A 60 10.19 4.83 -26.51
N TYR A 61 10.71 3.60 -26.40
CA TYR A 61 11.88 3.42 -25.55
C TYR A 61 13.09 4.21 -26.05
N ASN A 62 13.26 4.36 -27.37
CA ASN A 62 14.45 5.09 -27.82
C ASN A 62 14.41 6.53 -27.34
N GLU A 63 13.23 7.16 -27.41
CA GLU A 63 13.09 8.53 -26.93
C GLU A 63 13.28 8.57 -25.43
N PHE A 64 12.81 7.55 -24.72
CA PHE A 64 13.03 7.50 -23.28
C PHE A 64 14.53 7.47 -22.99
N ASP A 65 15.29 6.66 -23.76
CA ASP A 65 16.74 6.59 -23.56
C ASP A 65 17.38 7.96 -23.72
N ILE A 66 16.97 8.72 -24.74
CA ILE A 66 17.58 10.01 -24.99
C ILE A 66 17.26 10.97 -23.85
N ILE A 67 15.99 11.01 -23.43
CA ILE A 67 15.63 11.83 -22.26
C ILE A 67 16.49 11.46 -21.06
N ILE A 68 16.55 10.16 -20.75
CA ILE A 68 17.23 9.70 -19.54
C ILE A 68 18.72 10.05 -19.57
N SER A 69 19.33 10.06 -20.76
CA SER A 69 20.76 10.37 -20.88
C SER A 69 21.11 11.78 -20.41
N ARG A 70 20.13 12.68 -20.25
CA ARG A 70 20.40 14.03 -19.75
C ARG A 70 20.65 14.05 -18.24
N ASN A 71 20.23 13.01 -17.54
CA ASN A 71 20.44 12.82 -16.10
C ASN A 71 19.62 13.77 -15.24
N ILE A 72 18.54 14.34 -15.77
CA ILE A 72 17.67 15.24 -15.00
C ILE A 72 16.81 14.46 -14.02
N ASP A 73 16.63 15.01 -12.82
CA ASP A 73 15.82 14.36 -11.78
C ASP A 73 14.46 13.99 -12.33
N PHE A 74 14.07 12.74 -12.12
CA PHE A 74 12.81 12.28 -12.70
C PHE A 74 11.64 13.08 -12.15
N ASN A 75 11.71 13.52 -10.90
CA ASN A 75 10.58 14.23 -10.31
CA ASN A 75 10.58 14.23 -10.31
C ASN A 75 10.40 15.61 -10.92
N VAL A 76 11.48 16.23 -11.38
CA VAL A 76 11.33 17.51 -12.07
C VAL A 76 10.52 17.31 -13.36
N ILE A 77 10.78 16.21 -14.06
CA ILE A 77 10.07 15.90 -15.29
C ILE A 77 8.61 15.60 -15.00
N VAL A 78 8.34 14.72 -14.03
CA VAL A 78 6.98 14.32 -13.70
C VAL A 78 6.11 15.54 -13.39
N THR A 79 6.64 16.48 -12.59
CA THR A 79 5.81 17.60 -12.16
C THR A 79 5.50 18.52 -13.33
N GLN A 80 6.41 18.58 -14.29
CA GLN A 80 6.15 19.39 -15.49
C GLN A 80 5.11 18.73 -16.39
N VAL A 81 5.09 17.40 -16.43
CA VAL A 81 4.12 16.71 -17.29
C VAL A 81 2.71 17.03 -16.83
N LEU A 82 2.51 17.21 -15.53
CA LEU A 82 1.19 17.40 -14.96
C LEU A 82 0.89 18.85 -14.61
N GLU A 83 1.71 19.78 -15.07
CA GLU A 83 1.56 21.19 -14.68
C GLU A 83 0.18 21.74 -15.04
N ASP A 84 -0.28 21.49 -16.26
CA ASP A 84 -1.50 22.13 -16.76
C ASP A 84 -2.74 21.26 -16.58
N LYS A 85 -2.71 20.01 -17.04
CA LYS A 85 -3.86 19.13 -16.94
C LYS A 85 -3.40 17.71 -16.65
N ILE A 86 -4.34 16.88 -16.21
CA ILE A 86 -4.11 15.45 -16.08
C ILE A 86 -5.09 14.71 -16.99
N ASN A 87 -4.66 13.54 -17.47
CA ASN A 87 -5.55 12.58 -18.09
C ASN A 87 -4.91 11.22 -17.91
N TRP A 88 -5.66 10.16 -18.25
CA TRP A 88 -5.14 8.82 -18.01
C TRP A 88 -3.92 8.53 -18.86
N GLY A 89 -3.85 9.10 -20.06
CA GLY A 89 -2.67 8.91 -20.88
C GLY A 89 -1.43 9.47 -20.20
N ARG A 90 -1.58 10.59 -19.50
CA ARG A 90 -0.42 11.21 -18.85
C ARG A 90 0.02 10.42 -17.62
N ILE A 91 -0.95 9.89 -16.86
CA ILE A 91 -0.63 9.00 -15.75
C ILE A 91 0.09 7.75 -16.24
N ILE A 92 -0.43 7.14 -17.31
CA ILE A 92 0.19 5.94 -17.86
C ILE A 92 1.61 6.25 -18.29
N THR A 93 1.78 7.35 -19.01
CA THR A 93 3.08 7.66 -19.59
C THR A 93 4.10 8.01 -18.51
N ILE A 94 3.67 8.71 -17.47
CA ILE A 94 4.57 9.00 -16.34
C ILE A 94 5.02 7.70 -15.67
N ILE A 95 4.08 6.79 -15.43
CA ILE A 95 4.43 5.55 -14.74
C ILE A 95 5.36 4.70 -15.62
N ALA A 96 5.07 4.65 -16.92
CA ALA A 96 5.87 3.86 -17.84
C ALA A 96 7.28 4.41 -17.92
N PHE A 97 7.38 5.74 -18.03
CA PHE A 97 8.69 6.37 -18.10
C PHE A 97 9.48 6.12 -16.82
N CYS A 98 8.83 6.26 -15.67
CA CYS A 98 9.53 6.11 -14.40
C CYS A 98 9.90 4.66 -14.15
N ALA A 99 9.02 3.71 -14.52
CA ALA A 99 9.36 2.30 -14.44
C ALA A 99 10.56 1.98 -15.33
N TYR A 100 10.53 2.46 -16.58
CA TYR A 100 11.65 2.27 -17.50
C TYR A 100 12.95 2.82 -16.92
N TYR A 101 12.89 4.04 -16.40
CA TYR A 101 14.05 4.67 -15.78
C TYR A 101 14.55 3.87 -14.58
N SER A 102 13.62 3.31 -13.80
CA SER A 102 13.98 2.62 -12.57
C SER A 102 14.76 1.35 -12.84
N LYS A 103 14.58 0.76 -14.03
CA LYS A 103 15.22 -0.48 -14.39
C LYS A 103 16.53 -0.29 -15.13
N LYS A 104 16.75 0.89 -15.70
CA LYS A 104 18.02 1.19 -16.36
C LYS A 104 19.01 1.74 -15.35
N VAL A 105 18.87 1.32 -14.09
CA VAL A 105 19.56 1.98 -12.99
C VAL A 105 19.29 1.23 -11.68
N PRO A 111 18.02 -3.36 -4.80
CA PRO A 111 17.55 -2.39 -5.78
C PRO A 111 16.76 -1.22 -5.20
N GLN A 112 16.92 -0.04 -5.81
CA GLN A 112 16.49 1.21 -5.20
C GLN A 112 14.97 1.40 -5.23
N TYR A 113 14.28 0.89 -6.26
CA TYR A 113 12.83 1.13 -6.38
C TYR A 113 12.06 0.60 -5.17
N TYR A 114 12.64 -0.32 -4.41
CA TYR A 114 11.94 -0.82 -3.24
C TYR A 114 11.78 0.25 -2.16
N ASP A 115 12.54 1.34 -2.21
CA ASP A 115 12.41 2.38 -1.21
C ASP A 115 11.14 3.22 -1.38
N GLY A 116 10.42 3.05 -2.48
CA GLY A 116 9.16 3.74 -2.71
C GLY A 116 9.27 5.18 -3.18
N ILE A 117 10.48 5.72 -3.35
CA ILE A 117 10.62 7.15 -3.66
C ILE A 117 9.93 7.49 -4.98
N ILE A 118 10.13 6.67 -6.01
CA ILE A 118 9.50 6.94 -7.30
C ILE A 118 7.99 6.91 -7.16
N SER A 119 7.46 5.86 -6.55
CA SER A 119 6.00 5.74 -6.43
C SER A 119 5.44 6.88 -5.60
N GLU A 120 6.14 7.26 -4.52
CA GLU A 120 5.70 8.41 -3.73
C GLU A 120 5.68 9.68 -4.56
N ALA A 121 6.72 9.91 -5.37
CA ALA A 121 6.77 11.15 -6.17
C ALA A 121 5.62 11.23 -7.17
N ILE A 122 5.36 10.13 -7.88
CA ILE A 122 4.24 10.10 -8.82
C ILE A 122 2.92 10.33 -8.08
N THR A 123 2.71 9.62 -6.96
CA THR A 123 1.49 9.78 -6.20
C THR A 123 1.30 11.22 -5.75
N ASP A 124 2.34 11.84 -5.21
CA ASP A 124 2.23 13.24 -4.77
C ASP A 124 1.93 14.17 -5.93
N ALA A 125 2.56 13.94 -7.09
CA ALA A 125 2.34 14.79 -8.25
C ALA A 125 0.89 14.70 -8.73
N ILE A 126 0.31 13.50 -8.67
CA ILE A 126 -1.09 13.34 -9.05
C ILE A 126 -2.01 13.98 -8.02
N LEU A 127 -1.84 13.59 -6.75
CA LEU A 127 -2.83 13.96 -5.75
C LEU A 127 -2.68 15.38 -5.23
N SER A 128 -1.48 15.97 -5.29
CA SER A 128 -1.32 17.35 -4.83
C SER A 128 -2.23 18.31 -5.60
N LYS A 129 -2.49 18.02 -6.86
CA LYS A 129 -3.30 18.90 -7.71
C LYS A 129 -4.56 18.24 -8.24
N TYR A 130 -4.65 16.91 -8.25
CA TYR A 130 -5.72 16.24 -8.98
C TYR A 130 -6.43 15.19 -8.12
N ARG A 131 -6.43 15.40 -6.81
CA ARG A 131 -7.05 14.44 -5.90
CA ARG A 131 -7.05 14.43 -5.91
C ARG A 131 -8.53 14.22 -6.24
N SER A 132 -9.29 15.31 -6.38
CA SER A 132 -10.72 15.12 -6.60
C SER A 132 -11.00 14.56 -7.99
N TRP A 133 -10.15 14.91 -8.98
CA TRP A 133 -10.23 14.25 -10.29
C TRP A 133 -10.12 12.75 -10.15
N PHE A 134 -9.12 12.30 -9.38
CA PHE A 134 -8.85 10.87 -9.21
C PHE A 134 -10.01 10.17 -8.50
N ILE A 135 -10.55 10.76 -7.44
CA ILE A 135 -11.72 10.20 -6.77
C ILE A 135 -12.91 10.13 -7.73
N ASP A 136 -13.12 11.19 -8.53
CA ASP A 136 -14.24 11.22 -9.46
C ASP A 136 -14.09 10.22 -10.59
N GLN A 137 -12.87 9.75 -10.85
CA GLN A 137 -12.60 8.66 -11.77
C GLN A 137 -12.89 7.30 -11.16
N ASP A 138 -13.44 7.27 -9.93
CA ASP A 138 -13.53 6.02 -9.16
C ASP A 138 -12.15 5.37 -9.04
N TYR A 139 -11.17 6.20 -8.69
CA TYR A 139 -9.78 5.77 -8.46
C TYR A 139 -9.25 5.17 -9.76
N TRP A 140 -8.69 3.98 -9.75
CA TRP A 140 -8.12 3.41 -10.97
C TRP A 140 -9.18 2.92 -11.95
N ASN A 141 -10.45 2.81 -11.55
CA ASN A 141 -11.46 2.29 -12.46
C ASN A 141 -11.53 3.10 -13.75
N GLY A 142 -11.26 4.40 -13.66
CA GLY A 142 -11.32 5.24 -14.85
C GLY A 142 -10.36 4.85 -15.95
N ILE A 143 -9.27 4.16 -15.61
CA ILE A 143 -8.30 3.75 -16.62
C ILE A 143 -8.87 2.68 -17.54
N ARG A 144 -9.97 2.04 -17.16
CA ARG A 144 -10.50 0.92 -17.92
C ARG A 144 -11.14 1.35 -19.23
N ILE A 145 -11.25 2.66 -19.48
CA ILE A 145 -11.59 3.13 -20.82
C ILE A 145 -10.62 2.59 -21.86
N TYR A 146 -9.43 2.13 -21.44
CA TYR A 146 -8.45 1.58 -22.36
C TYR A 146 -8.43 0.06 -22.41
N LYS A 147 -9.35 -0.61 -21.75
CA LYS A 147 -9.32 -2.06 -21.70
C LYS A 147 -9.48 -2.67 -23.09
N ASN B 10 10.95 0.44 6.13
CA ASN B 10 10.42 1.44 5.22
C ASN B 10 10.41 0.94 3.76
N MET B 11 11.07 -0.19 3.51
CA MET B 11 11.13 -0.76 2.16
CA MET B 11 11.12 -0.75 2.16
C MET B 11 9.77 -1.35 1.81
N LYS B 12 9.22 -0.89 0.68
CA LYS B 12 7.95 -1.41 0.19
C LYS B 12 8.24 -2.53 -0.81
N ASP B 13 8.61 -3.68 -0.27
CA ASP B 13 9.06 -4.79 -1.08
C ASP B 13 8.09 -5.92 -0.91
N GLU B 14 8.49 -7.11 -1.35
CA GLU B 14 7.55 -8.23 -1.33
C GLU B 14 7.16 -8.56 0.10
N THR B 15 8.12 -8.52 1.02
CA THR B 15 7.80 -8.78 2.43
C THR B 15 6.75 -7.81 2.94
N TYR B 16 6.92 -6.54 2.62
CA TYR B 16 5.97 -5.51 3.04
C TYR B 16 4.56 -5.87 2.59
N TYR B 17 4.38 -6.23 1.32
CA TYR B 17 3.03 -6.54 0.80
C TYR B 17 2.51 -7.89 1.27
N ILE B 18 3.38 -8.81 1.71
CA ILE B 18 2.88 -10.02 2.36
C ILE B 18 2.19 -9.67 3.67
N ALA B 19 2.80 -8.76 4.44
CA ALA B 19 2.17 -8.30 5.66
C ALA B 19 0.90 -7.52 5.35
N LEU B 20 1.01 -6.52 4.47
CA LEU B 20 -0.12 -5.64 4.15
C LEU B 20 -1.33 -6.43 3.65
N ASN B 21 -1.11 -7.36 2.72
CA ASN B 21 -2.23 -8.04 2.05
C ASN B 21 -3.07 -8.83 3.06
N MET B 22 -2.40 -9.46 4.02
CA MET B 22 -3.09 -10.22 5.05
C MET B 22 -3.94 -9.32 5.92
N ILE B 23 -3.35 -8.25 6.44
CA ILE B 23 -4.06 -7.37 7.37
C ILE B 23 -5.20 -6.67 6.67
N GLN B 24 -4.94 -6.13 5.48
CA GLN B 24 -5.96 -5.36 4.79
C GLN B 24 -7.18 -6.22 4.47
N ASN B 25 -6.95 -7.44 3.99
CA ASN B 25 -8.07 -8.34 3.68
C ASN B 25 -8.82 -8.78 4.94
N TYR B 26 -8.12 -8.98 6.05
CA TYR B 26 -8.81 -9.29 7.30
C TYR B 26 -9.73 -8.14 7.70
N ILE B 27 -9.22 -6.91 7.63
CA ILE B 27 -10.03 -5.75 8.02
C ILE B 27 -11.23 -5.60 7.10
N ILE B 28 -11.03 -5.83 5.80
CA ILE B 28 -12.15 -5.78 4.84
C ILE B 28 -13.20 -6.82 5.20
N GLU B 29 -12.76 -8.04 5.52
CA GLU B 29 -13.74 -9.09 5.84
C GLU B 29 -14.47 -8.76 7.12
N TYR B 30 -13.75 -8.27 8.12
CA TYR B 30 -14.37 -7.95 9.40
C TYR B 30 -15.43 -6.86 9.24
N ASN B 31 -15.17 -5.89 8.36
CA ASN B 31 -16.09 -4.77 8.19
C ASN B 31 -17.26 -5.11 7.28
N THR B 32 -17.03 -5.91 6.24
CA THR B 32 -18.06 -6.13 5.22
C THR B 32 -18.79 -7.46 5.37
N ASN B 33 -18.23 -8.40 6.13
CA ASN B 33 -18.71 -9.77 6.22
C ASN B 33 -18.71 -10.47 4.87
N LYS B 34 -17.86 -10.03 3.94
CA LYS B 34 -17.58 -10.77 2.72
C LYS B 34 -16.32 -11.61 2.90
N PRO B 35 -16.31 -12.88 2.53
CA PRO B 35 -15.08 -13.68 2.69
C PRO B 35 -13.96 -13.14 1.82
N ARG B 36 -12.79 -12.91 2.44
CA ARG B 36 -11.63 -12.43 1.73
C ARG B 36 -10.48 -13.45 1.68
N LYS B 37 -10.70 -14.66 2.19
CA LYS B 37 -9.62 -15.66 2.21
C LYS B 37 -9.08 -15.96 0.81
N SER B 38 -9.88 -15.77 -0.23
CA SER B 38 -9.45 -16.08 -1.59
C SER B 38 -8.51 -15.02 -2.15
N PHE B 39 -8.34 -13.91 -1.45
CA PHE B 39 -7.45 -12.83 -1.87
C PHE B 39 -6.11 -12.88 -1.16
N VAL B 40 -5.91 -13.86 -0.30
CA VAL B 40 -4.70 -14.01 0.50
C VAL B 40 -4.07 -15.34 0.14
N ILE B 41 -2.76 -15.34 -0.12
CA ILE B 41 -2.12 -16.58 -0.55
C ILE B 41 -2.06 -17.58 0.60
N ASP B 42 -1.66 -17.13 1.80
CA ASP B 42 -1.57 -18.02 2.96
C ASP B 42 -2.93 -18.06 3.66
N SER B 43 -3.84 -18.83 3.07
CA SER B 43 -5.20 -18.87 3.56
C SER B 43 -5.30 -19.64 4.87
N ILE B 44 -4.40 -20.59 5.09
CA ILE B 44 -4.39 -21.31 6.37
C ILE B 44 -4.08 -20.36 7.51
N SER B 45 -3.04 -19.53 7.37
CA SER B 45 -2.72 -18.59 8.44
C SER B 45 -3.79 -17.50 8.55
N TYR B 46 -4.40 -17.12 7.42
CA TYR B 46 -5.51 -16.17 7.46
C TYR B 46 -6.61 -16.66 8.37
N ASP B 47 -6.98 -17.94 8.24
CA ASP B 47 -8.02 -18.49 9.09
C ASP B 47 -7.58 -18.55 10.56
N VAL B 48 -6.29 -18.77 10.82
CA VAL B 48 -5.82 -18.72 12.21
C VAL B 48 -5.93 -17.29 12.74
N LEU B 49 -5.47 -16.31 11.95
CA LEU B 49 -5.60 -14.91 12.36
C LEU B 49 -7.05 -14.57 12.69
N LYS B 50 -8.00 -14.97 11.81
CA LYS B 50 -9.40 -14.66 12.04
C LYS B 50 -9.87 -15.21 13.38
N ALA B 51 -9.52 -16.47 13.67
CA ALA B 51 -9.99 -17.10 14.90
C ALA B 51 -9.36 -16.46 16.13
N ALA B 52 -8.08 -16.11 16.05
CA ALA B 52 -7.41 -15.48 17.19
C ALA B 52 -8.00 -14.10 17.47
N CYS B 53 -8.18 -13.29 16.43
CA CYS B 53 -8.78 -11.97 16.61
C CYS B 53 -10.18 -12.10 17.20
N LYS B 54 -10.97 -13.08 16.73
CA LYS B 54 -12.30 -13.33 17.25
C LYS B 54 -12.25 -13.62 18.75
N SER B 55 -11.28 -14.44 19.15
CA SER B 55 -11.13 -14.73 20.57
C SER B 55 -10.77 -13.49 21.36
N VAL B 56 -9.85 -12.67 20.84
CA VAL B 56 -9.44 -11.47 21.57
C VAL B 56 -10.62 -10.50 21.72
N ILE B 57 -11.42 -10.36 20.66
CA ILE B 57 -12.55 -9.45 20.71
C ILE B 57 -13.61 -9.99 21.67
N LYS B 58 -13.87 -11.31 21.61
CA LYS B 58 -14.88 -11.91 22.47
C LYS B 58 -14.55 -11.71 23.94
N THR B 59 -13.26 -11.77 24.29
CA THR B 59 -12.85 -11.65 25.68
C THR B 59 -12.81 -10.20 26.15
N ASN B 60 -12.41 -9.27 25.27
CA ASN B 60 -12.04 -7.93 25.68
C ASN B 60 -12.90 -6.82 25.08
N TYR B 61 -14.04 -7.13 24.45
CA TYR B 61 -14.80 -6.08 23.77
C TYR B 61 -15.22 -4.98 24.74
N ASN B 62 -15.52 -5.33 26.00
CA ASN B 62 -15.91 -4.33 27.00
C ASN B 62 -14.86 -3.25 27.14
N GLU B 63 -13.59 -3.67 27.28
CA GLU B 63 -12.50 -2.71 27.42
C GLU B 63 -12.24 -1.96 26.12
N PHE B 64 -12.30 -2.66 24.98
CA PHE B 64 -12.20 -1.99 23.69
C PHE B 64 -13.20 -0.84 23.61
N ASP B 65 -14.47 -1.13 23.92
CA ASP B 65 -15.50 -0.09 23.92
C ASP B 65 -15.09 1.12 24.74
N ILE B 66 -14.52 0.88 25.94
CA ILE B 66 -14.08 1.98 26.79
C ILE B 66 -12.98 2.77 26.11
N ILE B 67 -11.94 2.08 25.61
CA ILE B 67 -10.83 2.74 24.92
C ILE B 67 -11.35 3.65 23.82
N ILE B 68 -12.34 3.18 23.06
CA ILE B 68 -12.80 3.94 21.90
C ILE B 68 -13.23 5.35 22.29
N SER B 69 -13.94 5.48 23.42
CA SER B 69 -14.52 6.76 23.80
C SER B 69 -13.48 7.83 24.11
N ARG B 70 -12.19 7.48 24.20
CA ARG B 70 -11.19 8.47 24.58
C ARG B 70 -10.81 9.40 23.44
N ASN B 71 -11.12 9.03 22.19
CA ASN B 71 -10.84 9.89 21.03
C ASN B 71 -9.35 10.16 20.92
N ILE B 72 -8.61 9.11 20.58
CA ILE B 72 -7.16 9.20 20.44
C ILE B 72 -6.73 8.52 19.14
N ASP B 73 -5.58 8.96 18.65
CA ASP B 73 -5.01 8.51 17.39
C ASP B 73 -4.73 7.01 17.40
N PHE B 74 -5.40 6.25 16.53
CA PHE B 74 -5.08 4.84 16.44
C PHE B 74 -3.63 4.62 15.99
N ASN B 75 -3.08 5.53 15.18
CA ASN B 75 -1.68 5.42 14.76
C ASN B 75 -0.74 5.43 15.96
N VAL B 76 -0.97 6.35 16.88
CA VAL B 76 -0.17 6.41 18.11
C VAL B 76 -0.32 5.12 18.90
N ILE B 77 -1.54 4.60 19.00
CA ILE B 77 -1.73 3.36 19.76
C ILE B 77 -0.93 2.22 19.13
N VAL B 78 -1.03 2.10 17.80
CA VAL B 78 -0.33 1.04 17.10
C VAL B 78 1.17 1.12 17.37
N THR B 79 1.75 2.30 17.17
CA THR B 79 3.18 2.50 17.38
C THR B 79 3.58 2.17 18.82
N GLN B 80 2.81 2.64 19.80
CA GLN B 80 3.19 2.40 21.18
C GLN B 80 3.07 0.93 21.55
N VAL B 81 2.03 0.25 21.06
CA VAL B 81 1.88 -1.16 21.39
C VAL B 81 3.10 -1.96 20.97
N LEU B 82 3.69 -1.63 19.83
CA LEU B 82 4.80 -2.41 19.29
C LEU B 82 6.16 -1.76 19.56
N GLU B 83 6.22 -0.77 20.46
CA GLU B 83 7.46 0.00 20.58
C GLU B 83 8.57 -0.81 21.23
N ASP B 84 8.26 -1.58 22.28
CA ASP B 84 9.31 -2.16 23.11
C ASP B 84 9.61 -3.63 22.83
N LYS B 85 8.70 -4.36 22.18
CA LYS B 85 8.96 -5.72 21.78
C LYS B 85 7.78 -6.16 20.91
N ILE B 86 7.97 -7.26 20.18
CA ILE B 86 6.90 -7.88 19.41
C ILE B 86 6.74 -9.33 19.80
N ASN B 87 5.51 -9.81 19.69
CA ASN B 87 5.21 -11.24 19.67
C ASN B 87 3.88 -11.37 18.91
N TRP B 88 3.50 -12.61 18.61
CA TRP B 88 2.27 -12.81 17.83
C TRP B 88 1.03 -12.33 18.57
N GLY B 89 1.02 -12.43 19.89
CA GLY B 89 -0.12 -11.90 20.63
C GLY B 89 -0.34 -10.42 20.40
N ARG B 90 0.75 -9.66 20.34
CA ARG B 90 0.64 -8.23 20.10
C ARG B 90 0.14 -7.94 18.68
N ILE B 91 0.64 -8.68 17.68
CA ILE B 91 0.14 -8.52 16.30
C ILE B 91 -1.35 -8.82 16.23
N ILE B 92 -1.76 -9.97 16.79
CA ILE B 92 -3.18 -10.33 16.81
C ILE B 92 -4.01 -9.26 17.51
N THR B 93 -3.52 -8.77 18.66
CA THR B 93 -4.32 -7.87 19.48
C THR B 93 -4.49 -6.52 18.80
N ILE B 94 -3.40 -5.98 18.22
CA ILE B 94 -3.55 -4.69 17.55
C ILE B 94 -4.40 -4.81 16.30
N ILE B 95 -4.32 -5.93 15.56
CA ILE B 95 -5.19 -6.11 14.38
C ILE B 95 -6.64 -6.25 14.84
N ALA B 96 -6.86 -7.03 15.90
CA ALA B 96 -8.22 -7.23 16.41
C ALA B 96 -8.81 -5.93 16.90
N PHE B 97 -8.02 -5.12 17.62
CA PHE B 97 -8.52 -3.86 18.15
C PHE B 97 -8.81 -2.89 17.03
N CYS B 98 -7.92 -2.80 16.05
CA CYS B 98 -8.14 -1.86 14.96
C CYS B 98 -9.34 -2.27 14.11
N ALA B 99 -9.52 -3.58 13.86
CA ALA B 99 -10.71 -4.05 13.15
C ALA B 99 -11.98 -3.68 13.91
N TYR B 100 -11.99 -4.00 15.20
CA TYR B 100 -13.14 -3.70 16.05
C TYR B 100 -13.45 -2.20 16.04
N TYR B 101 -12.41 -1.38 16.23
CA TYR B 101 -12.56 0.07 16.18
C TYR B 101 -13.13 0.54 14.85
N SER B 102 -12.58 0.05 13.73
CA SER B 102 -13.01 0.54 12.42
C SER B 102 -14.48 0.24 12.16
N LYS B 103 -14.97 -0.92 12.62
CA LYS B 103 -16.35 -1.27 12.38
C LYS B 103 -17.29 -0.55 13.34
N LYS B 104 -16.81 -0.20 14.53
CA LYS B 104 -17.66 0.42 15.53
C LYS B 104 -17.83 1.93 15.33
N VAL B 105 -17.10 2.53 14.40
CA VAL B 105 -17.23 3.95 14.13
C VAL B 105 -17.93 4.17 12.79
N TYR B 113 -14.32 3.03 5.40
CA TYR B 113 -13.08 2.55 4.79
C TYR B 113 -12.09 2.15 5.90
N TYR B 114 -10.86 2.67 5.81
CA TYR B 114 -9.81 2.58 6.81
C TYR B 114 -9.02 1.30 6.70
N ASP B 115 -9.44 0.32 5.89
CA ASP B 115 -8.62 -0.87 5.75
C ASP B 115 -7.23 -0.49 5.27
N GLY B 116 -7.14 0.54 4.42
CA GLY B 116 -5.87 1.01 3.90
C GLY B 116 -5.00 1.66 4.95
N ILE B 117 -5.47 2.73 5.60
CA ILE B 117 -4.60 3.43 6.54
C ILE B 117 -4.30 2.53 7.74
N ILE B 118 -5.28 1.74 8.18
CA ILE B 118 -5.04 0.83 9.30
C ILE B 118 -4.01 -0.21 8.94
N SER B 119 -4.15 -0.83 7.76
CA SER B 119 -3.21 -1.88 7.39
CA SER B 119 -3.21 -1.89 7.38
C SER B 119 -1.81 -1.32 7.20
N GLU B 120 -1.69 -0.11 6.65
CA GLU B 120 -0.38 0.51 6.49
C GLU B 120 0.27 0.81 7.84
N ALA B 121 -0.52 1.29 8.80
CA ALA B 121 0.03 1.64 10.10
C ALA B 121 0.58 0.41 10.81
N ILE B 122 -0.17 -0.69 10.78
CA ILE B 122 0.27 -1.90 11.46
C ILE B 122 1.45 -2.52 10.73
N THR B 123 1.41 -2.56 9.41
CA THR B 123 2.51 -3.13 8.64
C THR B 123 3.80 -2.35 8.89
N ASP B 124 3.70 -1.03 8.85
CA ASP B 124 4.88 -0.20 9.07
C ASP B 124 5.45 -0.41 10.46
N ALA B 125 4.58 -0.53 11.46
CA ALA B 125 5.05 -0.67 12.83
C ALA B 125 5.72 -2.01 13.04
N ILE B 126 5.22 -3.05 12.38
CA ILE B 126 5.82 -4.37 12.46
C ILE B 126 7.19 -4.36 11.79
N LEU B 127 7.24 -3.91 10.54
CA LEU B 127 8.47 -4.08 9.77
C LEU B 127 9.49 -2.99 10.05
N SER B 128 9.13 -1.91 10.75
CA SER B 128 10.13 -0.88 11.05
C SER B 128 11.30 -1.44 11.84
N LYS B 129 11.05 -2.33 12.80
CA LYS B 129 12.19 -2.94 13.49
C LYS B 129 11.97 -4.41 13.86
N TYR B 130 10.96 -5.08 13.30
CA TYR B 130 10.82 -6.53 13.48
C TYR B 130 10.80 -7.28 12.16
N ARG B 131 11.41 -6.71 11.10
CA ARG B 131 11.39 -7.34 9.78
C ARG B 131 12.06 -8.71 9.81
N SER B 132 13.26 -8.80 10.40
CA SER B 132 13.99 -10.06 10.45
C SER B 132 13.19 -11.13 11.20
N TRP B 133 12.59 -10.77 12.33
CA TRP B 133 11.77 -11.71 13.08
C TRP B 133 10.62 -12.20 12.23
N PHE B 134 9.98 -11.30 11.48
CA PHE B 134 8.82 -11.67 10.67
C PHE B 134 9.23 -12.64 9.57
N ILE B 135 10.33 -12.35 8.90
CA ILE B 135 10.83 -13.25 7.84
C ILE B 135 11.22 -14.59 8.44
N ASP B 136 11.87 -14.59 9.61
CA ASP B 136 12.31 -15.82 10.25
C ASP B 136 11.16 -16.62 10.83
N GLN B 137 10.01 -16.00 11.07
CA GLN B 137 8.79 -16.75 11.36
C GLN B 137 8.18 -17.39 10.13
N ASP B 138 8.84 -17.28 8.99
CA ASP B 138 8.23 -17.64 7.71
CA ASP B 138 8.23 -17.65 7.71
C ASP B 138 6.93 -16.86 7.52
N TYR B 139 7.04 -15.55 7.74
CA TYR B 139 5.95 -14.58 7.58
C TYR B 139 4.78 -15.00 8.47
N TRP B 140 3.59 -15.17 7.94
CA TRP B 140 2.43 -15.48 8.76
C TRP B 140 2.41 -16.91 9.26
N ASN B 141 3.23 -17.80 8.68
CA ASN B 141 3.21 -19.19 9.12
C ASN B 141 3.42 -19.31 10.64
N GLY B 142 4.19 -18.40 11.24
CA GLY B 142 4.49 -18.49 12.66
C GLY B 142 3.26 -18.35 13.55
N ILE B 143 2.20 -17.73 13.03
CA ILE B 143 0.96 -17.57 13.79
C ILE B 143 0.25 -18.89 14.05
N ARG B 144 0.62 -19.94 13.30
CA ARG B 144 -0.14 -21.19 13.35
C ARG B 144 0.06 -21.94 14.67
N ILE B 145 1.18 -21.72 15.33
CA ILE B 145 1.45 -22.35 16.62
C ILE B 145 0.29 -22.14 17.59
N TYR B 146 -0.59 -21.19 17.28
CA TYR B 146 -1.81 -21.00 18.08
CA TYR B 146 -1.81 -21.00 18.06
C TYR B 146 -2.84 -22.11 17.78
N ARG C 3 -0.63 11.17 27.00
CA ARG C 3 -0.35 10.04 27.89
C ARG C 3 -1.48 9.02 27.84
N THR C 4 -2.73 9.49 27.72
CA THR C 4 -3.85 8.56 27.62
C THR C 4 -3.63 7.55 26.51
N GLU C 5 -2.85 7.91 25.49
CA GLU C 5 -2.44 6.93 24.48
C GLU C 5 -1.57 5.84 25.11
N VAL C 6 -0.80 6.18 26.14
CA VAL C 6 0.09 5.21 26.77
C VAL C 6 -0.68 4.28 27.71
N GLN C 7 -1.64 4.80 28.48
CA GLN C 7 -2.53 3.91 29.23
C GLN C 7 -3.16 2.89 28.31
N ILE C 8 -3.73 3.36 27.20
CA ILE C 8 -4.39 2.48 26.24
C ILE C 8 -3.39 1.45 25.72
N ALA C 9 -2.20 1.89 25.36
CA ALA C 9 -1.19 0.97 24.84
C ALA C 9 -0.85 -0.09 25.87
N ARG C 10 -0.72 0.32 27.14
CA ARG C 10 -0.41 -0.63 28.21
C ARG C 10 -1.52 -1.65 28.35
N LYS C 11 -2.77 -1.20 28.27
CA LYS C 11 -3.91 -2.11 28.35
C LYS C 11 -3.84 -3.16 27.24
N LEU C 12 -3.57 -2.71 26.01
CA LEU C 12 -3.54 -3.65 24.90
C LEU C 12 -2.35 -4.59 25.00
N GLN C 13 -1.20 -4.09 25.51
CA GLN C 13 -0.05 -4.94 25.71
C GLN C 13 -0.35 -6.01 26.75
N CYS C 14 -1.09 -5.63 27.79
CA CYS C 14 -1.50 -6.61 28.79
C CYS C 14 -2.35 -7.70 28.16
N ILE C 15 -3.38 -7.32 27.40
CA ILE C 15 -4.22 -8.31 26.74
C ILE C 15 -3.37 -9.21 25.85
N ALA C 16 -2.47 -8.58 25.07
CA ALA C 16 -1.70 -9.31 24.07
C ALA C 16 -0.71 -10.25 24.72
N ASP C 17 -0.02 -9.79 25.75
CA ASP C 17 1.03 -10.61 26.34
C ASP C 17 0.42 -11.77 27.11
N GLN C 18 -0.75 -11.57 27.73
CA GLN C 18 -1.38 -12.68 28.43
C GLN C 18 -1.98 -13.66 27.43
N PHE C 19 -2.53 -13.14 26.34
CA PHE C 19 -2.98 -14.01 25.25
C PHE C 19 -1.82 -14.83 24.70
N HIS C 20 -0.68 -14.17 24.45
CA HIS C 20 0.50 -14.86 23.95
C HIS C 20 0.98 -15.94 24.93
N ARG C 21 1.13 -15.57 26.21
CA ARG C 21 1.64 -16.53 27.19
C ARG C 21 0.68 -17.68 27.42
N LEU C 22 -0.63 -17.44 27.27
CA LEU C 22 -1.60 -18.52 27.43
C LEU C 22 -1.58 -19.45 26.23
N HIS C 23 -1.69 -18.88 25.03
CA HIS C 23 -1.71 -19.66 23.79
C HIS C 23 -0.29 -19.93 23.26
N ILE C 24 0.61 -20.39 24.14
CA ILE C 24 1.87 -21.03 23.73
C ILE C 24 2.29 -22.02 24.80
N ALA D 2 11.85 25.98 -16.05
CA ALA D 2 12.86 26.27 -17.07
C ALA D 2 12.58 25.43 -18.31
N ARG D 3 13.42 25.55 -19.34
CA ARG D 3 12.99 25.08 -20.65
C ARG D 3 13.26 23.60 -20.90
N THR D 4 14.48 23.09 -20.63
CA THR D 4 14.72 21.71 -21.07
C THR D 4 13.75 20.73 -20.41
N GLU D 5 13.49 20.87 -19.11
CA GLU D 5 12.53 19.96 -18.49
C GLU D 5 11.13 20.20 -19.03
N VAL D 6 10.86 21.39 -19.56
CA VAL D 6 9.57 21.62 -20.23
C VAL D 6 9.57 20.95 -21.59
N GLN D 7 10.68 21.02 -22.32
CA GLN D 7 10.74 20.35 -23.61
C GLN D 7 10.56 18.84 -23.45
N ILE D 8 11.14 18.27 -22.39
CA ILE D 8 10.98 16.85 -22.12
C ILE D 8 9.53 16.54 -21.80
N ALA D 9 8.92 17.36 -20.94
CA ALA D 9 7.52 17.14 -20.59
C ALA D 9 6.65 17.18 -21.82
N ARG D 10 6.93 18.09 -22.75
CA ARG D 10 6.15 18.15 -23.98
C ARG D 10 6.23 16.83 -24.75
N LYS D 11 7.42 16.22 -24.79
CA LYS D 11 7.58 14.93 -25.46
C LYS D 11 6.70 13.88 -24.82
N LEU D 12 6.67 13.84 -23.49
CA LEU D 12 5.88 12.83 -22.81
C LEU D 12 4.39 13.13 -22.95
N GLN D 13 4.03 14.41 -22.96
CA GLN D 13 2.64 14.81 -23.16
C GLN D 13 2.15 14.46 -24.55
N CYS D 14 3.03 14.56 -25.55
CA CYS D 14 2.70 14.09 -26.90
C CYS D 14 2.36 12.61 -26.89
N ILE D 15 3.27 11.79 -26.35
CA ILE D 15 3.03 10.36 -26.20
C ILE D 15 1.70 10.11 -25.50
N ALA D 16 1.50 10.79 -24.37
CA ALA D 16 0.31 10.57 -23.56
C ALA D 16 -0.94 10.94 -24.32
N ASP D 17 -0.93 12.12 -24.95
CA ASP D 17 -2.17 12.64 -25.51
C ASP D 17 -2.53 11.91 -26.79
N GLN D 18 -1.54 11.43 -27.54
CA GLN D 18 -1.85 10.60 -28.70
C GLN D 18 -2.25 9.19 -28.28
N PHE D 19 -1.65 8.68 -27.20
CA PHE D 19 -2.08 7.39 -26.67
C PHE D 19 -3.55 7.47 -26.30
N HIS D 20 -3.92 8.53 -25.58
CA HIS D 20 -5.29 8.78 -25.16
C HIS D 20 -6.20 8.84 -26.38
N ARG D 21 -5.70 9.43 -27.47
CA ARG D 21 -6.52 9.60 -28.66
C ARG D 21 -6.78 8.27 -29.35
N LEU D 22 -5.73 7.46 -29.54
CA LEU D 22 -5.92 6.16 -30.18
C LEU D 22 -6.81 5.26 -29.34
N HIS D 23 -6.48 5.08 -28.07
CA HIS D 23 -7.18 4.11 -27.23
C HIS D 23 -8.39 4.72 -26.50
C1 EDO E . 12.02 -2.56 -25.69
O1 EDO E . 10.60 -2.76 -25.55
C2 EDO E . 12.57 -2.01 -24.38
O2 EDO E . 12.07 -2.79 -23.29
H11 EDO E . 12.51 -3.52 -25.92
H12 EDO E . 12.22 -1.87 -26.50
HO1 EDO E . 10.25 -3.11 -26.37
H21 EDO E . 13.66 -2.04 -24.39
H22 EDO E . 12.27 -0.96 -24.26
HO2 EDO E . 12.42 -2.45 -22.46
C1 EDO F . -4.80 -0.43 -5.65
O1 EDO F . -5.98 -1.14 -6.03
C2 EDO F . -4.50 -0.59 -4.17
O2 EDO F . -4.22 -1.96 -3.82
H11 EDO F . -3.95 -0.80 -6.24
H12 EDO F . -4.92 0.63 -5.88
HO1 EDO F . -6.15 -1.02 -6.97
H21 EDO F . -3.63 0.03 -3.92
H22 EDO F . -5.35 -0.24 -3.59
HO2 EDO F . -4.03 -2.02 -2.88
C1 EDO G . 15.77 10.64 -15.37
O1 EDO G . 15.23 11.72 -16.13
C2 EDO G . 17.27 10.94 -15.18
O2 EDO G . 18.07 9.77 -15.35
H11 EDO G . 15.28 10.57 -14.40
H12 EDO G . 15.64 9.69 -15.90
HO1 EDO G . 14.28 11.57 -16.26
H21 EDO G . 17.58 11.69 -15.90
H22 EDO G . 17.43 11.34 -14.18
HO2 EDO G . 19.00 9.98 -15.22
C1 EDO H . 6.50 -1.23 -33.33
O1 EDO H . 7.63 -0.98 -32.50
C2 EDO H . 5.24 -1.36 -32.47
O2 EDO H . 5.30 -0.47 -31.35
H11 EDO H . 6.37 -0.41 -34.04
H12 EDO H . 6.64 -2.15 -33.90
HO1 EDO H . 8.41 -0.90 -33.04
H21 EDO H . 4.36 -1.13 -33.07
H22 EDO H . 5.15 -2.39 -32.11
HO2 EDO H . 4.51 -0.57 -30.81
C1 EDO I . -5.06 -8.04 -2.57
O1 EDO I . -6.20 -8.47 -1.86
C2 EDO I . -4.56 -6.81 -1.89
O2 EDO I . -3.37 -7.20 -1.23
H11 EDO I . -4.29 -8.83 -2.57
H12 EDO I . -5.32 -7.82 -3.62
HO1 EDO I . -6.56 -9.28 -2.26
H21 EDO I . -4.36 -6.02 -2.61
H22 EDO I . -5.30 -6.45 -1.16
HO2 EDO I . -2.99 -6.46 -0.76
C1 EDO J . 7.78 -14.77 21.79
O1 EDO J . 8.34 -14.05 20.69
C2 EDO J . 7.95 -14.00 23.09
O2 EDO J . 7.99 -14.91 24.20
H11 EDO J . 6.71 -14.94 21.61
H12 EDO J . 8.27 -15.74 21.87
HO1 EDO J . 8.22 -14.55 19.88
H21 EDO J . 8.87 -13.41 23.06
H22 EDO J . 7.11 -13.31 23.22
HO2 EDO J . 8.11 -14.42 25.02
#